data_3LS5
#
_entry.id   3LS5
#
_cell.length_a   121.434
_cell.length_b   121.434
_cell.length_c   73.499
_cell.angle_alpha   90.000
_cell.angle_beta   90.000
_cell.angle_gamma   90.000
#
_symmetry.space_group_name_H-M   'P 43 21 2'
#
loop_
_entity.id
_entity.type
_entity.pdbx_description
1 polymer 'Light chain of antibody Fab fragment'
2 polymer 'Heavy chain of antibody Fab fragment'
3 water water
#
loop_
_entity_poly.entity_id
_entity_poly.type
_entity_poly.pdbx_seq_one_letter_code
_entity_poly.pdbx_strand_id
1 'polypeptide(L)'
;DIVLTQSPTTMAASPGEKITITCSASSSISSNYLHWYQQKPGFSPKLLIYRTSNLASGVPARFSGSGSGTSYSLTIGTME
AEDVATYYCQQGSSIPLTFGAGTKLELKRADAAPTVSIFPPSSEQLTSGGASVVCFLNNFYPKDINVKWKIDGSERQNGV
LNSWTDQDSKDSTYSMSSTLTLTKDEYERHNSYTCEATHKTSTSPIVKSFNRNEC
;
L
2 'polypeptide(L)'
;EVKLVESGGGLVKPGGSLKLSCAASGFTFNNYVMVWLRQTPEKRLEWVASISRGGSTYYPDSVKGRFTISRDNARNILYL
QMSSLRSEDTAMYYCVRGTTIVAGDVWGAGTTVTVSSAKTTPPSVYPLAPGSAAQTNSMVTLGCLVKGYFPEPVTVTWNS
GSLSSGVHTFPAVLQSDLYTLSSSVTVPSSTWPSETVTCNVAHPASSTKVDKKIVPRDC
;
H
#
# COMPACT_ATOMS: atom_id res chain seq x y z
N ASP A 1 -25.11 -14.88 1.49
CA ASP A 1 -24.34 -13.64 1.53
C ASP A 1 -24.50 -12.93 0.19
N ILE A 2 -24.84 -11.64 0.23
CA ILE A 2 -24.83 -10.82 -0.99
C ILE A 2 -23.38 -10.65 -1.48
N VAL A 3 -23.16 -10.90 -2.76
CA VAL A 3 -21.89 -10.63 -3.40
C VAL A 3 -22.07 -9.40 -4.28
N LEU A 4 -21.20 -8.42 -4.12
CA LEU A 4 -21.27 -7.19 -4.89
C LEU A 4 -20.13 -7.22 -5.88
N THR A 5 -20.47 -7.18 -7.18
CA THR A 5 -19.47 -7.25 -8.24
C THR A 5 -19.32 -5.88 -8.88
N GLN A 6 -18.13 -5.31 -8.79
CA GLN A 6 -17.91 -3.98 -9.32
C GLN A 6 -17.24 -4.02 -10.69
N SER A 7 -17.64 -3.10 -11.57
CA SER A 7 -16.89 -2.91 -12.79
C SER A 7 -16.85 -1.44 -13.22
N PRO A 8 -15.80 -1.08 -13.96
CA PRO A 8 -14.76 -2.07 -14.28
C PRO A 8 -13.87 -2.27 -13.07
N THR A 9 -12.90 -3.18 -13.13
CA THR A 9 -11.96 -3.37 -12.03
C THR A 9 -10.99 -2.19 -11.92
N THR A 10 -10.65 -1.65 -13.07
CA THR A 10 -9.75 -0.52 -13.10
C THR A 10 -10.22 0.37 -14.24
N MET A 11 -10.05 1.66 -14.07
CA MET A 11 -10.40 2.58 -15.13
C MET A 11 -9.45 3.74 -15.12
N ALA A 12 -9.07 4.15 -16.32
CA ALA A 12 -8.23 5.30 -16.52
C ALA A 12 -9.10 6.37 -17.16
N ALA A 13 -9.18 7.52 -16.51
CA ALA A 13 -10.05 8.60 -16.95
C ALA A 13 -9.21 9.81 -17.33
N SER A 14 -9.56 10.43 -18.47
CA SER A 14 -8.96 11.72 -18.76
C SER A 14 -9.49 12.80 -17.81
N PRO A 15 -8.66 13.80 -17.49
CA PRO A 15 -9.15 14.96 -16.73
C PRO A 15 -10.40 15.56 -17.42
N GLY A 16 -11.42 15.92 -16.64
CA GLY A 16 -12.69 16.44 -17.18
C GLY A 16 -13.69 15.42 -17.70
N GLU A 17 -13.27 14.15 -17.78
CA GLU A 17 -14.12 13.11 -18.31
C GLU A 17 -15.29 12.72 -17.34
N LYS A 18 -16.46 12.49 -17.90
CA LYS A 18 -17.60 12.05 -17.11
C LYS A 18 -17.46 10.55 -17.00
N ILE A 19 -17.36 10.06 -15.76
CA ILE A 19 -17.01 8.67 -15.44
C ILE A 19 -18.15 7.99 -14.69
N THR A 20 -18.46 6.76 -15.04
CA THR A 20 -19.53 6.00 -14.35
C THR A 20 -19.02 4.60 -14.05
N ILE A 21 -19.17 4.15 -12.81
CA ILE A 21 -18.75 2.80 -12.42
C ILE A 21 -19.91 2.07 -11.77
N THR A 22 -19.88 0.75 -11.80
CA THR A 22 -21.10 0.04 -11.44
C THR A 22 -20.87 -1.04 -10.41
N CYS A 23 -21.95 -1.40 -9.74
CA CYS A 23 -21.94 -2.34 -8.64
C CYS A 23 -23.19 -3.19 -8.84
N SER A 24 -22.99 -4.50 -9.04
CA SER A 24 -24.09 -5.41 -9.28
C SER A 24 -24.23 -6.37 -8.10
N ALA A 25 -25.43 -6.43 -7.50
CA ALA A 25 -25.69 -7.33 -6.36
C ALA A 25 -26.33 -8.64 -6.78
N SER A 26 -25.75 -9.73 -6.31
CA SER A 26 -26.26 -11.08 -6.51
C SER A 26 -27.74 -11.29 -6.09
N SER A 27 -28.28 -10.40 -5.27
CA SER A 27 -29.69 -10.41 -4.91
C SER A 27 -30.18 -8.99 -4.64
N SER A 28 -31.47 -8.75 -4.83
CA SER A 28 -32.00 -7.39 -4.76
C SER A 28 -31.88 -6.74 -3.38
N ILE A 29 -31.21 -5.59 -3.36
CA ILE A 29 -30.97 -4.77 -2.17
C ILE A 29 -32.00 -3.66 -2.04
N SER A 30 -32.58 -3.43 -0.86
CA SER A 30 -33.26 -2.14 -0.75
C SER A 30 -32.26 -1.00 -0.88
N SER A 31 -32.46 -0.18 -1.90
CA SER A 31 -31.65 1.01 -2.18
C SER A 31 -31.25 1.84 -0.95
N ASN A 32 -32.09 1.81 0.10
CA ASN A 32 -31.77 2.40 1.42
C ASN A 32 -30.48 1.91 2.08
N TYR A 33 -30.01 0.75 1.63
CA TYR A 33 -28.87 0.09 2.27
C TYR A 33 -27.69 -0.10 1.34
N LEU A 34 -27.61 0.72 0.30
CA LEU A 34 -26.51 0.61 -0.65
C LEU A 34 -25.71 1.90 -0.57
N HIS A 35 -24.43 1.77 -0.19
CA HIS A 35 -23.59 2.94 0.05
C HIS A 35 -22.26 2.78 -0.71
N TRP A 36 -21.57 3.90 -0.88
CA TRP A 36 -20.25 3.95 -1.54
C TRP A 36 -19.21 4.64 -0.65
N TYR A 37 -17.97 4.14 -0.73
CA TYR A 37 -16.89 4.69 0.02
C TYR A 37 -15.79 5.04 -0.95
N GLN A 38 -14.99 5.99 -0.57
CA GLN A 38 -13.83 6.37 -1.41
C GLN A 38 -12.59 6.19 -0.59
N GLN A 39 -11.60 5.49 -1.12
CA GLN A 39 -10.38 5.33 -0.37
C GLN A 39 -9.20 5.88 -1.15
N LYS A 40 -8.70 7.02 -0.70
CA LYS A 40 -7.53 7.59 -1.37
C LYS A 40 -6.27 6.86 -0.89
N PRO A 41 -5.28 6.73 -1.78
CA PRO A 41 -4.12 5.92 -1.44
C PRO A 41 -3.40 6.45 -0.21
N GLY A 42 -3.03 5.54 0.69
CA GLY A 42 -2.47 5.91 1.97
C GLY A 42 -3.48 6.17 3.11
N PHE A 43 -4.77 6.14 2.81
CA PHE A 43 -5.76 6.60 3.79
C PHE A 43 -6.86 5.60 4.03
N SER A 44 -7.71 5.89 5.01
CA SER A 44 -8.83 5.04 5.33
C SER A 44 -9.91 5.26 4.31
N PRO A 45 -10.77 4.26 4.08
CA PRO A 45 -11.94 4.59 3.28
C PRO A 45 -12.78 5.68 3.99
N LYS A 46 -13.60 6.38 3.22
CA LYS A 46 -14.44 7.50 3.70
C LYS A 46 -15.80 7.30 3.05
N LEU A 47 -16.89 7.52 3.80
CA LEU A 47 -18.23 7.45 3.23
C LEU A 47 -18.38 8.55 2.16
N LEU A 48 -18.88 8.17 0.99
CA LEU A 48 -18.95 9.10 -0.13
C LEU A 48 -20.42 9.32 -0.48
N ILE A 49 -21.13 8.21 -0.62
CA ILE A 49 -22.53 8.25 -0.97
C ILE A 49 -23.27 7.32 -0.02
N TYR A 50 -24.44 7.72 0.49
CA TYR A 50 -25.21 6.77 1.31
C TYR A 50 -26.65 6.65 0.80
N ARG A 51 -27.28 5.51 1.03
CA ARG A 51 -28.64 5.29 0.53
C ARG A 51 -28.74 5.60 -0.99
N THR A 52 -27.85 4.98 -1.77
CA THR A 52 -27.83 5.02 -3.26
C THR A 52 -27.37 6.35 -3.87
N SER A 53 -27.89 7.48 -3.38
CA SER A 53 -27.80 8.74 -4.11
C SER A 53 -27.49 9.95 -3.21
N ASN A 54 -27.34 9.75 -1.92
CA ASN A 54 -27.09 10.91 -1.09
C ASN A 54 -25.64 11.19 -0.83
N LEU A 55 -25.21 12.43 -1.05
CA LEU A 55 -23.80 12.73 -0.89
C LEU A 55 -23.45 12.82 0.56
N ALA A 56 -22.36 12.17 0.98
CA ALA A 56 -21.93 12.33 2.37
C ALA A 56 -21.26 13.66 2.63
N SER A 57 -20.95 13.89 3.89
CA SER A 57 -20.38 15.16 4.33
C SER A 57 -19.05 15.38 3.60
N GLY A 58 -18.84 16.62 3.13
CA GLY A 58 -17.60 17.01 2.45
C GLY A 58 -17.42 16.54 1.00
N VAL A 59 -18.43 15.89 0.45
CA VAL A 59 -18.28 15.29 -0.88
C VAL A 59 -18.70 16.31 -1.96
N PRO A 60 -17.82 16.59 -2.94
CA PRO A 60 -18.18 17.55 -4.02
C PRO A 60 -19.42 17.15 -4.85
N ALA A 61 -20.11 18.19 -5.33
CA ALA A 61 -21.32 18.03 -6.14
C ALA A 61 -21.16 17.21 -7.41
N ARG A 62 -19.94 17.13 -7.95
CA ARG A 62 -19.76 16.36 -9.20
C ARG A 62 -19.99 14.86 -9.00
N PHE A 63 -20.08 14.43 -7.74
CA PHE A 63 -20.43 13.03 -7.46
C PHE A 63 -21.93 12.80 -7.48
N SER A 64 -22.35 11.64 -7.97
CA SER A 64 -23.77 11.26 -7.83
C SER A 64 -23.87 9.75 -7.86
N GLY A 65 -25.00 9.21 -7.38
CA GLY A 65 -25.16 7.80 -7.41
C GLY A 65 -26.60 7.49 -7.80
N SER A 66 -26.85 6.33 -8.36
CA SER A 66 -28.20 6.00 -8.75
C SER A 66 -28.34 4.51 -8.79
N GLY A 67 -29.56 4.02 -9.01
CA GLY A 67 -29.76 2.59 -9.10
C GLY A 67 -30.90 2.11 -8.23
N SER A 68 -31.17 0.82 -8.33
CA SER A 68 -32.19 0.17 -7.51
C SER A 68 -32.07 -1.28 -7.82
N GLY A 69 -32.69 -2.11 -6.97
CA GLY A 69 -32.71 -3.54 -7.25
C GLY A 69 -31.35 -4.18 -7.08
N THR A 70 -30.83 -4.76 -8.16
CA THR A 70 -29.52 -5.35 -8.11
C THR A 70 -28.46 -4.48 -8.83
N SER A 71 -28.86 -3.32 -9.36
CA SER A 71 -27.94 -2.53 -10.19
C SER A 71 -27.74 -1.10 -9.70
N TYR A 72 -26.51 -0.76 -9.33
CA TYR A 72 -26.19 0.55 -8.77
C TYR A 72 -25.05 1.18 -9.53
N SER A 73 -24.97 2.49 -9.50
CA SER A 73 -23.84 3.13 -10.14
C SER A 73 -23.43 4.40 -9.45
N LEU A 74 -22.21 4.82 -9.76
CA LEU A 74 -21.60 6.00 -9.17
C LEU A 74 -21.03 6.77 -10.34
N THR A 75 -21.29 8.08 -10.36
CA THR A 75 -20.88 8.93 -11.47
C THR A 75 -20.10 10.12 -10.94
N ILE A 76 -19.02 10.41 -11.63
CA ILE A 76 -18.27 11.59 -11.35
C ILE A 76 -18.46 12.45 -12.59
N GLY A 77 -18.95 13.67 -12.39
CA GLY A 77 -19.40 14.49 -13.51
C GLY A 77 -18.24 14.87 -14.43
N THR A 78 -17.10 15.16 -13.82
CA THR A 78 -15.86 15.54 -14.49
C THR A 78 -14.72 15.02 -13.65
N MET A 79 -13.94 14.08 -14.19
CA MET A 79 -12.81 13.56 -13.42
C MET A 79 -11.84 14.68 -13.01
N GLU A 80 -11.50 14.74 -11.73
CA GLU A 80 -10.50 15.69 -11.23
C GLU A 80 -9.35 14.83 -10.73
N ALA A 81 -8.16 15.39 -10.71
CA ALA A 81 -6.98 14.69 -10.17
C ALA A 81 -7.23 14.15 -8.75
N GLU A 82 -7.91 14.93 -7.94
CA GLU A 82 -8.13 14.54 -6.55
C GLU A 82 -9.08 13.34 -6.39
N ASP A 83 -9.68 12.91 -7.49
CA ASP A 83 -10.57 11.73 -7.51
C ASP A 83 -9.90 10.38 -7.70
N VAL A 84 -8.57 10.38 -7.91
CA VAL A 84 -7.87 9.13 -8.06
C VAL A 84 -7.95 8.38 -6.73
N ALA A 85 -8.42 7.14 -6.78
CA ALA A 85 -8.81 6.45 -5.56
C ALA A 85 -9.45 5.15 -5.90
N THR A 86 -9.64 4.28 -4.90
CA THR A 86 -10.48 3.13 -5.05
C THR A 86 -11.85 3.40 -4.45
N TYR A 87 -12.89 2.99 -5.17
CA TYR A 87 -14.28 3.24 -4.84
C TYR A 87 -14.91 1.86 -4.55
N TYR A 88 -15.57 1.74 -3.40
CA TYR A 88 -16.18 0.50 -2.98
C TYR A 88 -17.67 0.69 -2.78
N CYS A 89 -18.49 -0.22 -3.28
CA CYS A 89 -19.89 -0.24 -2.86
C CYS A 89 -20.01 -1.25 -1.71
N GLN A 90 -21.10 -1.12 -0.97
CA GLN A 90 -21.30 -1.90 0.26
C GLN A 90 -22.80 -1.98 0.50
N GLN A 91 -23.28 -3.17 0.90
CA GLN A 91 -24.70 -3.37 1.20
C GLN A 91 -24.87 -3.59 2.68
N GLY A 92 -25.92 -2.98 3.24
CA GLY A 92 -26.20 -3.15 4.66
C GLY A 92 -27.56 -3.79 4.92
N SER A 93 -28.23 -4.25 3.87
CA SER A 93 -29.56 -4.83 4.03
C SER A 93 -29.52 -6.29 4.53
N SER A 94 -28.41 -6.97 4.29
CA SER A 94 -28.27 -8.39 4.59
C SER A 94 -27.06 -8.65 5.49
N ILE A 95 -27.22 -9.51 6.50
CA ILE A 95 -26.12 -9.92 7.36
C ILE A 95 -25.53 -11.17 6.76
N PRO A 96 -24.22 -11.22 6.49
CA PRO A 96 -23.18 -10.25 6.87
C PRO A 96 -23.18 -9.05 5.92
N LEU A 97 -22.92 -7.85 6.42
CA LEU A 97 -22.73 -6.76 5.46
C LEU A 97 -21.50 -7.08 4.63
N THR A 98 -21.56 -6.71 3.34
CA THR A 98 -20.45 -7.03 2.47
C THR A 98 -20.11 -5.84 1.60
N PHE A 99 -18.86 -5.85 1.12
CA PHE A 99 -18.34 -4.80 0.24
C PHE A 99 -18.04 -5.42 -1.12
N GLY A 100 -18.19 -4.64 -2.19
CA GLY A 100 -17.60 -5.00 -3.46
C GLY A 100 -16.09 -4.97 -3.38
N ALA A 101 -15.44 -5.51 -4.41
CA ALA A 101 -13.97 -5.58 -4.36
C ALA A 101 -13.30 -4.24 -4.72
N GLY A 102 -14.07 -3.25 -5.15
CA GLY A 102 -13.46 -1.97 -5.41
C GLY A 102 -13.18 -1.72 -6.91
N THR A 103 -13.40 -0.49 -7.35
CA THR A 103 -12.93 -0.03 -8.67
C THR A 103 -11.85 1.01 -8.43
N LYS A 104 -10.70 0.76 -9.04
CA LYS A 104 -9.57 1.64 -8.92
C LYS A 104 -9.60 2.64 -10.10
N LEU A 105 -9.66 3.93 -9.78
CA LEU A 105 -9.83 4.99 -10.75
C LEU A 105 -8.52 5.71 -10.79
N GLU A 106 -7.92 5.75 -11.97
CA GLU A 106 -6.65 6.44 -12.10
C GLU A 106 -6.79 7.50 -13.21
N LEU A 107 -5.81 8.37 -13.28
CA LEU A 107 -5.87 9.52 -14.17
C LEU A 107 -4.93 9.39 -15.38
N LYS A 108 -5.46 9.73 -16.56
CA LYS A 108 -4.62 9.83 -17.78
C LYS A 108 -3.72 11.05 -17.84
N ARG A 109 -2.60 10.87 -18.54
CA ARG A 109 -1.55 11.87 -18.60
C ARG A 109 -0.80 11.57 -19.93
N ALA A 110 0.08 12.47 -20.32
CA ALA A 110 0.94 12.23 -21.49
C ALA A 110 1.93 11.10 -21.16
N ASP A 111 2.27 10.30 -22.16
CA ASP A 111 3.33 9.27 -21.97
C ASP A 111 4.62 9.88 -21.46
N ALA A 112 5.29 9.12 -20.62
CA ALA A 112 6.60 9.46 -20.10
C ALA A 112 7.45 8.18 -20.05
N ALA A 113 8.62 8.27 -20.66
CA ALA A 113 9.56 7.15 -20.59
C ALA A 113 10.09 7.00 -19.17
N PRO A 114 10.33 5.75 -18.73
CA PRO A 114 10.93 5.59 -17.41
C PRO A 114 12.37 6.11 -17.38
N THR A 115 12.78 6.69 -16.26
CA THR A 115 14.20 6.89 -15.97
C THR A 115 14.80 5.64 -15.26
N VAL A 116 15.74 4.95 -15.93
CA VAL A 116 16.20 3.65 -15.42
C VAL A 116 17.59 3.76 -14.77
N SER A 117 17.73 3.17 -13.58
CA SER A 117 19.01 3.24 -12.83
C SER A 117 19.34 1.87 -12.27
N ILE A 118 20.58 1.41 -12.47
CA ILE A 118 21.00 0.11 -11.93
C ILE A 118 22.11 0.28 -10.87
N PHE A 119 22.09 -0.57 -9.86
CA PHE A 119 22.97 -0.44 -8.70
C PHE A 119 23.56 -1.79 -8.33
N PRO A 120 24.87 -1.85 -8.16
CA PRO A 120 25.54 -3.11 -7.80
C PRO A 120 25.38 -3.34 -6.31
N PRO A 121 25.68 -4.55 -5.83
CA PRO A 121 25.65 -4.83 -4.38
C PRO A 121 26.59 -3.93 -3.61
N SER A 122 26.19 -3.51 -2.40
CA SER A 122 27.06 -2.76 -1.52
C SER A 122 28.12 -3.69 -0.91
N SER A 123 29.24 -3.11 -0.48
CA SER A 123 30.27 -3.86 0.23
C SER A 123 29.65 -4.51 1.45
N GLU A 124 28.84 -3.73 2.16
CA GLU A 124 28.18 -4.18 3.40
C GLU A 124 27.41 -5.46 3.16
N GLN A 125 26.62 -5.49 2.08
CA GLN A 125 25.88 -6.72 1.80
C GLN A 125 26.79 -7.91 1.41
N LEU A 126 27.81 -7.64 0.61
CA LEU A 126 28.74 -8.69 0.19
C LEU A 126 29.46 -9.29 1.40
N THR A 127 29.80 -8.44 2.36
CA THR A 127 30.36 -8.87 3.64
C THR A 127 29.53 -9.96 4.31
N SER A 128 28.21 -9.82 4.26
CA SER A 128 27.34 -10.78 4.94
C SER A 128 26.99 -11.99 4.08
N GLY A 129 27.46 -12.01 2.84
CA GLY A 129 27.27 -13.19 2.00
C GLY A 129 26.19 -13.13 0.92
N GLY A 130 25.57 -11.97 0.75
CA GLY A 130 24.52 -11.83 -0.25
C GLY A 130 24.93 -10.83 -1.29
N ALA A 131 24.18 -10.80 -2.41
CA ALA A 131 24.44 -9.86 -3.49
C ALA A 131 23.13 -9.49 -4.18
N SER A 132 22.63 -8.28 -3.95
CA SER A 132 21.37 -7.84 -4.59
C SER A 132 21.69 -6.77 -5.59
N VAL A 133 21.08 -6.87 -6.76
CA VAL A 133 21.26 -5.87 -7.77
C VAL A 133 19.91 -5.16 -7.95
N VAL A 134 19.90 -3.83 -7.96
CA VAL A 134 18.63 -3.13 -7.97
C VAL A 134 18.52 -2.28 -9.19
N CYS A 135 17.33 -2.30 -9.78
CA CYS A 135 16.98 -1.43 -10.86
C CYS A 135 15.72 -0.61 -10.49
N PHE A 136 15.82 0.72 -10.61
CA PHE A 136 14.66 1.60 -10.41
C PHE A 136 14.21 2.04 -11.79
N LEU A 137 12.91 2.00 -12.02
CA LEU A 137 12.33 2.49 -13.25
C LEU A 137 11.30 3.52 -12.86
N ASN A 138 11.68 4.78 -12.97
CA ASN A 138 10.97 5.85 -12.30
C ASN A 138 10.19 6.81 -13.20
N ASN A 139 9.07 7.30 -12.68
CA ASN A 139 8.27 8.34 -13.32
C ASN A 139 7.85 8.02 -14.75
N PHE A 140 7.21 6.87 -14.94
CA PHE A 140 6.77 6.51 -16.29
C PHE A 140 5.26 6.49 -16.46
N TYR A 141 4.82 6.49 -17.70
CA TYR A 141 3.40 6.43 -18.01
C TYR A 141 3.31 5.97 -19.45
N PRO A 142 2.39 5.05 -19.77
CA PRO A 142 1.38 4.40 -18.92
C PRO A 142 1.99 3.37 -17.97
N LYS A 143 1.13 2.70 -17.19
CA LYS A 143 1.66 1.96 -16.05
C LYS A 143 2.25 0.60 -16.44
N ASP A 144 1.80 0.03 -17.57
CA ASP A 144 2.32 -1.25 -18.06
C ASP A 144 3.79 -1.20 -18.45
N ILE A 145 4.56 -2.13 -17.92
CA ILE A 145 6.00 -2.14 -18.11
C ILE A 145 6.54 -3.55 -17.82
N ASN A 146 7.58 -3.94 -18.54
CA ASN A 146 8.21 -5.24 -18.29
C ASN A 146 9.70 -5.10 -18.06
N VAL A 147 10.21 -5.81 -17.07
CA VAL A 147 11.64 -5.80 -16.76
C VAL A 147 12.19 -7.20 -16.98
N LYS A 148 13.32 -7.28 -17.69
CA LYS A 148 14.04 -8.53 -17.90
C LYS A 148 15.44 -8.37 -17.33
N TRP A 149 15.87 -9.32 -16.52
CA TRP A 149 17.25 -9.39 -16.05
C TRP A 149 18.06 -10.36 -16.90
N LYS A 150 19.34 -10.03 -17.09
CA LYS A 150 20.31 -10.94 -17.71
C LYS A 150 21.58 -10.98 -16.89
N ILE A 151 22.20 -12.15 -16.81
CA ILE A 151 23.51 -12.26 -16.18
C ILE A 151 24.45 -12.78 -17.24
N ASP A 152 25.50 -12.01 -17.55
CA ASP A 152 26.41 -12.35 -18.65
C ASP A 152 25.58 -12.68 -19.89
N GLY A 153 24.59 -11.84 -20.19
CA GLY A 153 23.86 -11.98 -21.43
C GLY A 153 22.74 -13.01 -21.44
N SER A 154 22.61 -13.80 -20.37
CA SER A 154 21.52 -14.77 -20.30
C SER A 154 20.43 -14.34 -19.30
N GLU A 155 19.21 -14.41 -19.77
CA GLU A 155 18.03 -14.07 -19.00
C GLU A 155 17.91 -14.81 -17.65
N ARG A 156 17.61 -14.06 -16.61
CA ARG A 156 17.47 -14.63 -15.27
C ARG A 156 16.08 -14.33 -14.74
N GLN A 157 15.34 -15.35 -14.33
CA GLN A 157 13.98 -15.12 -13.82
C GLN A 157 13.77 -15.38 -12.31
N ASN A 158 14.43 -16.38 -11.76
CA ASN A 158 14.32 -16.65 -10.33
C ASN A 158 15.11 -15.63 -9.51
N GLY A 159 14.63 -15.34 -8.31
CA GLY A 159 15.36 -14.46 -7.41
C GLY A 159 15.07 -12.98 -7.68
N VAL A 160 14.05 -12.71 -8.49
CA VAL A 160 13.63 -11.33 -8.81
C VAL A 160 12.41 -10.88 -8.00
N LEU A 161 12.51 -9.76 -7.30
CA LEU A 161 11.34 -9.23 -6.61
C LEU A 161 10.99 -7.83 -7.11
N ASN A 162 9.75 -7.65 -7.55
CA ASN A 162 9.28 -6.39 -8.11
C ASN A 162 8.30 -5.69 -7.18
N SER A 163 8.33 -4.36 -7.18
CA SER A 163 7.39 -3.57 -6.38
C SER A 163 7.01 -2.28 -7.09
N TRP A 164 5.72 -1.97 -7.11
CA TRP A 164 5.25 -0.76 -7.80
C TRP A 164 4.69 0.32 -6.85
N THR A 165 4.98 1.59 -7.12
CA THR A 165 4.31 2.65 -6.40
C THR A 165 2.90 2.88 -6.93
N ASP A 166 2.08 3.56 -6.14
CA ASP A 166 0.77 3.98 -6.64
C ASP A 166 0.98 5.17 -7.56
N GLN A 167 0.01 5.42 -8.43
CA GLN A 167 0.12 6.61 -9.28
C GLN A 167 0.53 7.84 -8.47
N ASP A 168 1.53 8.59 -8.93
CA ASP A 168 2.05 9.75 -8.19
C ASP A 168 1.01 10.86 -8.10
N SER A 169 0.84 11.46 -6.92
CA SER A 169 -0.26 12.42 -6.74
C SER A 169 0.07 13.77 -7.36
N LYS A 170 1.35 13.99 -7.64
CA LYS A 170 1.79 15.29 -8.16
C LYS A 170 1.91 15.29 -9.70
N ASP A 171 2.23 14.14 -10.28
CA ASP A 171 2.49 14.09 -11.72
C ASP A 171 1.88 12.91 -12.44
N SER A 172 1.14 12.09 -11.71
CA SER A 172 0.37 10.97 -12.24
C SER A 172 1.21 9.91 -12.94
N THR A 173 2.49 9.85 -12.61
CA THR A 173 3.35 8.80 -13.15
C THR A 173 3.40 7.59 -12.22
N TYR A 174 4.02 6.51 -12.70
CA TYR A 174 4.23 5.29 -11.93
C TYR A 174 5.72 5.02 -11.84
N SER A 175 6.14 4.33 -10.79
CA SER A 175 7.55 3.94 -10.62
C SER A 175 7.63 2.48 -10.21
N MET A 176 8.80 1.89 -10.40
CA MET A 176 8.88 0.47 -10.10
C MET A 176 10.27 0.18 -9.61
N SER A 177 10.37 -0.88 -8.82
CA SER A 177 11.66 -1.34 -8.30
C SER A 177 11.75 -2.82 -8.59
N SER A 178 12.92 -3.26 -9.02
CA SER A 178 13.09 -4.65 -9.36
C SER A 178 14.41 -5.04 -8.74
N THR A 179 14.43 -6.12 -7.95
CA THR A 179 15.63 -6.46 -7.22
C THR A 179 15.96 -7.91 -7.50
N LEU A 180 17.17 -8.12 -7.99
CA LEU A 180 17.65 -9.47 -8.28
C LEU A 180 18.64 -9.84 -7.19
N THR A 181 18.32 -10.90 -6.45
CA THR A 181 19.19 -11.26 -5.33
C THR A 181 19.86 -12.62 -5.57
N LEU A 182 21.18 -12.68 -5.45
CA LEU A 182 21.85 -13.97 -5.46
C LEU A 182 22.87 -14.04 -4.34
N THR A 183 23.59 -15.15 -4.26
CA THR A 183 24.64 -15.32 -3.24
C THR A 183 25.91 -14.59 -3.68
N LYS A 184 26.77 -14.23 -2.72
CA LYS A 184 28.02 -13.53 -3.06
C LYS A 184 28.81 -14.45 -3.99
N ASP A 185 28.76 -15.74 -3.66
CA ASP A 185 29.36 -16.79 -4.49
C ASP A 185 28.92 -16.63 -5.94
N GLU A 186 27.61 -16.63 -6.21
CA GLU A 186 27.21 -16.59 -7.62
C GLU A 186 27.55 -15.28 -8.29
N TYR A 187 27.40 -14.18 -7.56
CA TYR A 187 27.68 -12.84 -8.07
C TYR A 187 29.15 -12.67 -8.51
N GLU A 188 30.07 -13.19 -7.71
CA GLU A 188 31.48 -13.08 -8.07
C GLU A 188 31.87 -14.04 -9.21
N ARG A 189 30.97 -14.97 -9.58
CA ARG A 189 31.21 -15.84 -10.74
C ARG A 189 30.68 -15.29 -12.07
N HIS A 190 30.12 -14.10 -12.04
CA HIS A 190 29.71 -13.46 -13.29
C HIS A 190 30.11 -12.02 -13.30
N ASN A 191 29.96 -11.36 -14.45
CA ASN A 191 30.50 -10.02 -14.57
C ASN A 191 29.43 -9.02 -14.91
N SER A 192 28.63 -9.40 -15.92
CA SER A 192 27.67 -8.51 -16.54
C SER A 192 26.26 -8.67 -15.95
N TYR A 193 25.76 -7.61 -15.32
CA TYR A 193 24.38 -7.61 -14.82
C TYR A 193 23.59 -6.51 -15.52
N THR A 194 22.46 -6.90 -16.09
CA THR A 194 21.67 -6.01 -16.94
C THR A 194 20.19 -6.04 -16.58
N CYS A 195 19.55 -4.87 -16.56
CA CYS A 195 18.09 -4.86 -16.48
C CYS A 195 17.56 -4.09 -17.67
N GLU A 196 16.57 -4.66 -18.34
CA GLU A 196 16.09 -4.14 -19.62
C GLU A 196 14.62 -3.89 -19.45
N ALA A 197 14.20 -2.66 -19.72
CA ALA A 197 12.81 -2.28 -19.56
C ALA A 197 12.16 -2.11 -20.92
N THR A 198 11.08 -2.84 -21.13
CA THR A 198 10.28 -2.71 -22.33
C THR A 198 9.07 -1.84 -21.94
N HIS A 199 8.88 -0.71 -22.63
CA HIS A 199 7.76 0.21 -22.31
C HIS A 199 7.23 0.80 -23.61
N LYS A 200 5.94 1.13 -23.63
CA LYS A 200 5.30 1.78 -24.80
C LYS A 200 6.12 2.92 -25.43
N THR A 201 6.88 3.66 -24.59
CA THR A 201 7.55 4.88 -25.03
C THR A 201 8.84 4.66 -25.84
N SER A 202 9.25 3.42 -26.07
CA SER A 202 10.42 3.22 -26.94
C SER A 202 10.26 1.98 -27.78
N THR A 203 10.91 2.01 -28.94
CA THR A 203 10.78 0.92 -29.88
C THR A 203 11.86 -0.15 -29.65
N SER A 204 12.79 0.15 -28.76
CA SER A 204 13.73 -0.86 -28.27
C SER A 204 13.77 -0.73 -26.74
N PRO A 205 14.11 -1.81 -26.03
CA PRO A 205 14.24 -1.75 -24.56
C PRO A 205 15.23 -0.69 -24.07
N ILE A 206 14.97 -0.10 -22.91
CA ILE A 206 15.96 0.71 -22.24
C ILE A 206 16.79 -0.31 -21.48
N VAL A 207 18.10 -0.27 -21.69
CA VAL A 207 18.98 -1.25 -21.07
C VAL A 207 19.96 -0.52 -20.21
N LYS A 208 20.04 -0.87 -18.93
CA LYS A 208 21.13 -0.36 -18.10
C LYS A 208 21.92 -1.55 -17.58
N SER A 209 23.24 -1.42 -17.48
CA SER A 209 24.04 -2.47 -16.87
C SER A 209 25.33 -1.99 -16.17
N PHE A 210 26.01 -2.90 -15.51
CA PHE A 210 27.31 -2.60 -14.97
C PHE A 210 28.06 -3.91 -15.02
N ASN A 211 29.37 -3.84 -15.20
CA ASN A 211 30.15 -5.05 -15.04
C ASN A 211 30.75 -5.05 -13.64
N ARG A 212 30.77 -6.22 -13.03
CA ARG A 212 31.23 -6.32 -11.67
C ARG A 212 32.65 -5.77 -11.61
N ASN A 213 33.40 -5.96 -12.69
CA ASN A 213 34.79 -5.51 -12.76
C ASN A 213 35.04 -4.09 -13.31
N GLU A 214 33.99 -3.28 -13.43
CA GLU A 214 34.20 -1.87 -13.82
C GLU A 214 35.04 -1.11 -12.79
N CYS A 215 35.67 -0.03 -13.24
CA CYS A 215 36.61 0.73 -12.43
C CYS A 215 36.52 2.21 -12.84
N GLU B 1 -15.30 17.62 14.96
CA GLU B 1 -14.18 16.69 15.00
C GLU B 1 -14.53 15.39 15.73
N VAL B 2 -15.54 14.70 15.24
CA VAL B 2 -15.75 13.32 15.64
C VAL B 2 -14.46 12.58 15.27
N LYS B 3 -14.01 11.71 16.15
CA LYS B 3 -12.76 11.01 15.90
C LYS B 3 -12.83 9.59 16.48
N LEU B 4 -12.24 8.64 15.78
CA LEU B 4 -12.02 7.28 16.29
C LEU B 4 -10.55 6.96 16.15
N VAL B 5 -9.96 6.41 17.22
CA VAL B 5 -8.54 6.10 17.16
C VAL B 5 -8.30 4.67 17.62
N GLU B 6 -7.85 3.82 16.70
CA GLU B 6 -7.61 2.43 17.02
C GLU B 6 -6.19 2.28 17.53
N SER B 7 -5.97 1.36 18.45
CA SER B 7 -4.62 1.01 18.86
C SER B 7 -4.63 -0.45 19.30
N GLY B 8 -3.43 -1.00 19.53
CA GLY B 8 -3.30 -2.32 20.12
C GLY B 8 -2.84 -3.36 19.09
N GLY B 9 -2.81 -2.98 17.82
CA GLY B 9 -2.44 -3.90 16.77
C GLY B 9 -0.95 -4.26 16.78
N GLY B 10 -0.61 -5.43 16.25
CA GLY B 10 0.79 -5.79 16.14
C GLY B 10 0.96 -7.24 15.74
N LEU B 11 2.17 -7.75 15.94
CA LEU B 11 2.52 -9.10 15.54
C LEU B 11 2.10 -10.04 16.67
N VAL B 12 1.50 -11.15 16.29
CA VAL B 12 1.04 -12.15 17.25
C VAL B 12 1.06 -13.57 16.59
N LYS B 13 1.20 -14.63 17.39
CA LYS B 13 1.44 -15.95 16.83
C LYS B 13 0.11 -16.57 16.49
N PRO B 14 0.09 -17.41 15.45
CA PRO B 14 -1.13 -18.17 15.19
C PRO B 14 -1.54 -18.89 16.47
N GLY B 15 -2.85 -18.98 16.69
CA GLY B 15 -3.36 -19.52 17.93
C GLY B 15 -3.43 -18.50 19.06
N GLY B 16 -2.75 -17.37 18.89
CA GLY B 16 -2.64 -16.38 19.95
C GLY B 16 -3.85 -15.47 20.17
N SER B 17 -3.67 -14.53 21.08
CA SER B 17 -4.72 -13.58 21.44
C SER B 17 -4.20 -12.15 21.38
N LEU B 18 -5.11 -11.22 21.09
CA LEU B 18 -4.74 -9.83 20.99
C LEU B 18 -5.98 -8.98 21.17
N LYS B 19 -5.91 -7.94 22.00
CA LYS B 19 -7.01 -6.98 22.14
C LYS B 19 -6.81 -5.61 21.47
N LEU B 20 -7.69 -5.25 20.54
CA LEU B 20 -7.66 -3.90 19.95
C LEU B 20 -8.54 -2.93 20.72
N SER B 21 -8.14 -1.66 20.73
CA SER B 21 -8.97 -0.64 21.39
C SER B 21 -9.27 0.45 20.38
N CYS B 22 -10.42 1.08 20.51
CA CYS B 22 -10.77 2.16 19.62
C CYS B 22 -11.37 3.26 20.51
N ALA B 23 -10.66 4.38 20.63
CA ALA B 23 -11.12 5.44 21.50
C ALA B 23 -11.93 6.42 20.68
N ALA B 24 -13.13 6.67 21.13
CA ALA B 24 -14.08 7.55 20.44
C ALA B 24 -14.11 8.92 21.08
N SER B 25 -14.34 9.95 20.26
CA SER B 25 -14.45 11.32 20.81
C SER B 25 -15.27 12.22 19.91
N GLY B 26 -15.83 13.28 20.49
CA GLY B 26 -16.42 14.34 19.70
C GLY B 26 -17.84 13.97 19.28
N PHE B 27 -18.37 12.91 19.87
CA PHE B 27 -19.75 12.56 19.59
C PHE B 27 -20.33 11.75 20.73
N THR B 28 -21.66 11.63 20.72
CA THR B 28 -22.35 10.87 21.77
C THR B 28 -22.26 9.36 21.55
N PHE B 29 -21.19 8.76 22.04
CA PHE B 29 -20.85 7.34 21.81
C PHE B 29 -22.01 6.33 22.00
N ASN B 30 -22.77 6.51 23.08
CA ASN B 30 -23.75 5.47 23.45
C ASN B 30 -24.94 5.42 22.51
N ASN B 31 -25.05 6.45 21.68
CA ASN B 31 -26.13 6.59 20.69
C ASN B 31 -25.89 5.79 19.42
N TYR B 32 -24.69 5.18 19.30
CA TYR B 32 -24.33 4.57 18.03
C TYR B 32 -23.96 3.10 18.12
N VAL B 33 -24.45 2.32 17.17
CA VAL B 33 -23.79 1.03 16.78
C VAL B 33 -22.31 1.29 16.40
N MET B 34 -21.43 0.40 16.85
CA MET B 34 -20.01 0.50 16.51
C MET B 34 -19.60 -0.80 15.83
N VAL B 35 -18.65 -0.67 14.89
CA VAL B 35 -18.34 -1.74 13.96
C VAL B 35 -16.83 -1.89 13.87
N TRP B 36 -16.36 -3.13 13.81
CA TRP B 36 -14.99 -3.43 13.37
C TRP B 36 -15.06 -4.03 11.98
N LEU B 37 -14.24 -3.47 11.10
CA LEU B 37 -14.03 -3.99 9.76
C LEU B 37 -12.54 -4.28 9.64
N ARG B 38 -12.14 -4.96 8.58
CA ARG B 38 -10.71 -5.09 8.36
C ARG B 38 -10.47 -5.09 6.86
N GLN B 39 -9.26 -4.67 6.50
CA GLN B 39 -8.89 -4.63 5.11
C GLN B 39 -7.66 -5.50 4.96
N THR B 40 -7.78 -6.50 4.10
CA THR B 40 -6.71 -7.47 3.93
C THR B 40 -5.57 -6.89 3.11
N PRO B 41 -4.43 -7.58 3.15
CA PRO B 41 -3.29 -7.00 2.42
C PRO B 41 -3.65 -6.81 0.94
N GLU B 42 -4.57 -7.63 0.43
CA GLU B 42 -5.09 -7.47 -0.93
C GLU B 42 -6.05 -6.27 -1.13
N LYS B 43 -6.42 -5.59 -0.03
CA LYS B 43 -7.31 -4.44 -0.09
C LYS B 43 -8.80 -4.80 -0.07
N ARG B 44 -9.10 -6.06 0.22
CA ARG B 44 -10.49 -6.49 0.34
C ARG B 44 -11.04 -6.01 1.71
N LEU B 45 -12.24 -5.43 1.74
CA LEU B 45 -12.89 -5.00 2.98
C LEU B 45 -13.88 -6.05 3.47
N GLU B 46 -13.81 -6.34 4.77
CA GLU B 46 -14.62 -7.40 5.35
C GLU B 46 -15.19 -6.97 6.68
N TRP B 47 -16.43 -7.36 6.91
CA TRP B 47 -17.05 -7.13 8.22
C TRP B 47 -16.47 -8.10 9.29
N VAL B 48 -16.19 -7.58 10.48
CA VAL B 48 -15.61 -8.41 11.56
C VAL B 48 -16.57 -8.58 12.76
N ALA B 49 -17.22 -7.49 13.16
CA ALA B 49 -18.12 -7.49 14.32
C ALA B 49 -18.91 -6.20 14.42
N SER B 50 -20.12 -6.29 15.00
CA SER B 50 -20.93 -5.13 15.28
C SER B 50 -21.44 -5.23 16.71
N ILE B 51 -21.60 -4.09 17.36
CA ILE B 51 -22.15 -4.07 18.69
C ILE B 51 -23.16 -2.92 18.74
N SER B 52 -24.40 -3.26 19.08
CA SER B 52 -25.44 -2.24 19.25
C SER B 52 -25.14 -1.36 20.46
N ARG B 53 -25.88 -0.26 20.56
CA ARG B 53 -25.70 0.68 21.68
C ARG B 53 -25.85 -0.04 23.04
N GLY B 54 -26.85 -0.91 23.14
CA GLY B 54 -27.10 -1.65 24.37
C GLY B 54 -26.27 -2.92 24.58
N GLY B 55 -25.40 -3.23 23.65
CA GLY B 55 -24.47 -4.33 23.83
C GLY B 55 -24.81 -5.61 23.08
N SER B 56 -25.85 -5.56 22.26
CA SER B 56 -26.11 -6.67 21.31
C SER B 56 -24.98 -6.82 20.30
N THR B 57 -24.43 -8.02 20.17
CA THR B 57 -23.28 -8.26 19.31
C THR B 57 -23.60 -9.22 18.17
N TYR B 58 -22.89 -9.03 17.06
CA TYR B 58 -23.11 -9.79 15.83
C TYR B 58 -21.79 -10.05 15.17
N TYR B 59 -21.62 -11.28 14.69
CA TYR B 59 -20.37 -11.70 14.08
C TYR B 59 -20.63 -12.51 12.83
N PRO B 60 -19.73 -12.43 11.85
CA PRO B 60 -19.80 -13.34 10.70
C PRO B 60 -19.29 -14.69 11.14
N ASP B 61 -19.63 -15.74 10.42
CA ASP B 61 -19.31 -17.08 10.89
C ASP B 61 -17.79 -17.30 11.06
N SER B 62 -17.01 -16.60 10.24
CA SER B 62 -15.55 -16.76 10.19
C SER B 62 -14.82 -16.35 11.46
N VAL B 63 -15.47 -15.52 12.27
CA VAL B 63 -14.79 -15.09 13.49
C VAL B 63 -15.62 -15.44 14.71
N LYS B 64 -16.86 -15.86 14.48
CA LYS B 64 -17.76 -16.19 15.58
C LYS B 64 -17.10 -17.23 16.48
N GLY B 65 -17.20 -16.98 17.78
CA GLY B 65 -16.52 -17.80 18.77
C GLY B 65 -15.09 -17.41 19.07
N ARG B 66 -14.44 -16.75 18.12
CA ARG B 66 -13.03 -16.42 18.26
C ARG B 66 -12.80 -14.96 18.65
N PHE B 67 -13.63 -14.05 18.12
CA PHE B 67 -13.48 -12.61 18.38
C PHE B 67 -14.64 -12.17 19.22
N THR B 68 -14.39 -11.22 20.13
CA THR B 68 -15.46 -10.65 20.94
C THR B 68 -15.39 -9.12 20.90
N ILE B 69 -16.47 -8.47 20.47
CA ILE B 69 -16.57 -7.02 20.47
C ILE B 69 -17.25 -6.63 21.78
N SER B 70 -16.75 -5.57 22.42
CA SER B 70 -17.38 -5.05 23.63
C SER B 70 -17.19 -3.54 23.64
N ARG B 71 -17.97 -2.83 24.46
CA ARG B 71 -17.84 -1.38 24.55
C ARG B 71 -17.90 -0.92 26.00
N ASP B 72 -17.33 0.23 26.26
CA ASP B 72 -17.33 0.83 27.58
C ASP B 72 -17.88 2.22 27.42
N ASN B 73 -19.14 2.45 27.74
CA ASN B 73 -19.72 3.75 27.43
C ASN B 73 -19.25 4.82 28.36
N ALA B 74 -18.56 4.40 29.41
CA ALA B 74 -18.01 5.33 30.39
C ALA B 74 -16.77 6.02 29.86
N ARG B 75 -15.84 5.24 29.30
CA ARG B 75 -14.63 5.77 28.76
C ARG B 75 -14.78 6.06 27.24
N ASN B 76 -15.90 5.63 26.65
CA ASN B 76 -16.12 5.82 25.20
C ASN B 76 -15.07 5.07 24.44
N ILE B 77 -14.93 3.79 24.77
CA ILE B 77 -13.93 2.97 24.08
C ILE B 77 -14.58 1.69 23.59
N LEU B 78 -14.25 1.32 22.35
CA LEU B 78 -14.72 0.05 21.74
C LEU B 78 -13.54 -0.93 21.72
N TYR B 79 -13.81 -2.19 22.07
CA TYR B 79 -12.76 -3.22 22.03
C TYR B 79 -13.05 -4.35 21.05
N LEU B 80 -11.98 -4.96 20.56
CA LEU B 80 -12.10 -6.23 19.88
C LEU B 80 -11.14 -7.20 20.50
N GLN B 81 -11.67 -8.21 21.19
CA GLN B 81 -10.79 -9.24 21.73
C GLN B 81 -10.61 -10.34 20.69
N MET B 82 -9.38 -10.53 20.22
CA MET B 82 -9.13 -11.55 19.21
C MET B 82 -8.50 -12.78 19.90
N SER B 83 -8.94 -13.98 19.52
CA SER B 83 -8.34 -15.19 20.06
C SER B 83 -8.31 -16.27 18.98
N SER B 84 -7.54 -17.34 19.22
CA SER B 84 -7.40 -18.39 18.21
C SER B 84 -7.07 -17.77 16.87
N LEU B 85 -6.13 -16.83 16.88
CA LEU B 85 -5.82 -16.10 15.66
C LEU B 85 -5.27 -17.02 14.57
N ARG B 86 -5.58 -16.70 13.32
CA ARG B 86 -5.07 -17.42 12.17
C ARG B 86 -4.37 -16.44 11.28
N SER B 87 -3.55 -16.91 10.36
CA SER B 87 -2.86 -16.01 9.46
C SER B 87 -3.86 -15.25 8.58
N GLU B 88 -5.01 -15.86 8.29
CA GLU B 88 -6.05 -15.18 7.50
C GLU B 88 -6.63 -13.97 8.25
N ASP B 89 -6.28 -13.85 9.51
CA ASP B 89 -6.75 -12.70 10.31
C ASP B 89 -5.84 -11.48 10.17
N THR B 90 -4.73 -11.65 9.45
CA THR B 90 -3.81 -10.59 9.15
C THR B 90 -4.51 -9.50 8.33
N ALA B 91 -4.53 -8.26 8.82
CA ALA B 91 -5.29 -7.21 8.13
C ALA B 91 -5.11 -5.90 8.86
N MET B 92 -5.46 -4.80 8.22
CA MET B 92 -5.59 -3.56 8.93
C MET B 92 -7.04 -3.49 9.52
N TYR B 93 -7.16 -3.28 10.82
CA TYR B 93 -8.49 -3.26 11.49
C TYR B 93 -8.97 -1.82 11.64
N TYR B 94 -10.22 -1.58 11.25
CA TYR B 94 -10.78 -0.24 11.37
C TYR B 94 -11.93 -0.22 12.35
N CYS B 95 -11.93 0.80 13.22
CA CYS B 95 -13.01 1.18 14.12
C CYS B 95 -13.97 2.03 13.28
N VAL B 96 -15.27 1.74 13.24
CA VAL B 96 -16.19 2.48 12.37
C VAL B 96 -17.51 2.82 13.07
N ARG B 97 -17.96 4.07 12.96
CA ARG B 97 -19.27 4.41 13.52
C ARG B 97 -20.35 4.01 12.53
N GLY B 98 -21.29 3.18 12.98
CA GLY B 98 -22.36 2.77 12.09
C GLY B 98 -23.62 3.62 12.29
N THR B 99 -24.46 3.62 11.27
CA THR B 99 -25.71 4.39 11.26
C THR B 99 -26.88 3.42 11.11
N THR B 100 -28.12 3.92 11.20
CA THR B 100 -29.23 2.96 11.21
C THR B 100 -29.45 2.31 9.83
N ILE B 101 -28.83 2.88 8.80
CA ILE B 101 -28.93 2.27 7.47
C ILE B 101 -27.64 1.48 7.13
N VAL B 102 -26.84 1.26 8.15
CA VAL B 102 -25.68 0.36 8.07
C VAL B 102 -24.67 0.90 7.03
N ALA B 103 -24.52 2.22 7.05
CA ALA B 103 -23.38 2.94 6.42
C ALA B 103 -22.37 3.29 7.52
N GLY B 104 -21.08 3.22 7.22
CA GLY B 104 -20.05 3.57 8.21
C GLY B 104 -19.64 5.01 7.98
N ASP B 105 -20.16 5.93 8.79
CA ASP B 105 -19.95 7.32 8.45
C ASP B 105 -18.67 7.96 9.01
N VAL B 106 -18.04 7.29 9.98
CA VAL B 106 -16.77 7.74 10.52
C VAL B 106 -15.88 6.54 10.65
N TRP B 107 -14.65 6.65 10.18
CA TRP B 107 -13.69 5.58 10.28
C TRP B 107 -12.43 6.07 10.99
N GLY B 108 -11.79 5.19 11.76
CA GLY B 108 -10.47 5.52 12.30
C GLY B 108 -9.36 5.36 11.25
N ALA B 109 -8.13 5.67 11.68
CA ALA B 109 -6.94 5.55 10.84
C ALA B 109 -6.52 4.10 10.66
N GLY B 110 -6.97 3.23 11.58
CA GLY B 110 -6.70 1.81 11.46
C GLY B 110 -5.54 1.37 12.36
N THR B 111 -5.53 0.09 12.68
CA THR B 111 -4.38 -0.50 13.39
C THR B 111 -4.01 -1.83 12.73
N THR B 112 -2.72 -2.11 12.56
CA THR B 112 -2.34 -3.31 11.79
C THR B 112 -2.09 -4.56 12.64
N VAL B 113 -2.72 -5.66 12.26
CA VAL B 113 -2.50 -6.93 12.94
C VAL B 113 -1.80 -7.91 11.98
N THR B 114 -0.71 -8.52 12.44
CA THR B 114 0.04 -9.52 11.66
C THR B 114 0.07 -10.80 12.46
N VAL B 115 -0.48 -11.87 11.89
CA VAL B 115 -0.55 -13.14 12.59
C VAL B 115 0.43 -14.07 11.88
N SER B 116 1.49 -14.44 12.59
CA SER B 116 2.60 -15.18 12.02
C SER B 116 3.48 -15.84 13.06
N SER B 117 4.15 -16.92 12.67
CA SER B 117 5.12 -17.57 13.54
C SER B 117 6.51 -17.02 13.32
N ALA B 118 6.67 -16.20 12.27
CA ALA B 118 7.97 -15.57 12.00
C ALA B 118 8.36 -14.60 13.11
N LYS B 119 9.65 -14.55 13.42
CA LYS B 119 10.10 -13.74 14.56
C LYS B 119 10.50 -12.35 14.14
N THR B 120 10.32 -11.40 15.04
CA THR B 120 10.75 -10.03 14.79
C THR B 120 12.24 -10.01 14.44
N THR B 121 12.55 -9.33 13.33
CA THR B 121 13.91 -9.26 12.81
C THR B 121 14.17 -7.85 12.30
N PRO B 122 15.24 -7.22 12.79
CA PRO B 122 15.54 -5.88 12.32
C PRO B 122 16.01 -5.93 10.86
N PRO B 123 15.92 -4.78 10.16
CA PRO B 123 16.36 -4.71 8.75
C PRO B 123 17.85 -4.53 8.63
N SER B 124 18.40 -4.93 7.49
CA SER B 124 19.71 -4.47 7.06
C SER B 124 19.53 -3.39 6.02
N VAL B 125 20.34 -2.35 6.12
CA VAL B 125 20.21 -1.22 5.21
C VAL B 125 21.47 -1.11 4.39
N TYR B 126 21.31 -1.28 3.09
CA TYR B 126 22.39 -1.13 2.14
C TYR B 126 22.21 0.09 1.27
N PRO B 127 23.28 0.84 1.12
CA PRO B 127 23.37 2.01 0.26
C PRO B 127 23.28 1.57 -1.20
N LEU B 128 22.56 2.32 -2.04
CA LEU B 128 22.58 2.08 -3.48
C LEU B 128 23.22 3.27 -4.15
N ALA B 129 24.45 3.10 -4.64
CA ALA B 129 25.15 4.18 -5.34
C ALA B 129 25.55 3.65 -6.70
N PRO B 130 25.68 4.54 -7.69
CA PRO B 130 25.95 4.05 -9.05
C PRO B 130 27.34 3.42 -9.12
N GLY B 131 27.56 2.51 -10.07
CA GLY B 131 28.87 1.92 -10.29
C GLY B 131 29.96 2.96 -10.49
N SER B 132 31.20 2.63 -10.09
CA SER B 132 32.29 3.60 -10.16
C SER B 132 32.46 4.15 -11.59
N ALA B 133 32.21 3.29 -12.57
CA ALA B 133 32.34 3.65 -13.99
C ALA B 133 31.06 4.21 -14.61
N ALA B 134 30.05 4.48 -13.79
CA ALA B 134 28.83 5.11 -14.28
C ALA B 134 29.11 6.55 -14.70
N GLN B 135 28.39 7.02 -15.72
CA GLN B 135 28.64 8.31 -16.35
C GLN B 135 27.71 9.42 -15.81
N THR B 136 28.30 10.51 -15.31
CA THR B 136 27.52 11.61 -14.71
C THR B 136 26.63 12.34 -15.73
N ASN B 137 25.35 12.50 -15.39
CA ASN B 137 24.36 13.06 -16.32
C ASN B 137 23.31 14.01 -15.72
N SER B 138 23.74 15.17 -15.23
CA SER B 138 22.81 16.10 -14.58
C SER B 138 22.32 15.43 -13.30
N MET B 139 21.01 15.21 -13.21
CA MET B 139 20.42 14.52 -12.05
C MET B 139 21.06 13.16 -11.73
N VAL B 140 21.15 12.83 -10.45
CA VAL B 140 21.64 11.52 -10.03
C VAL B 140 20.62 10.81 -9.14
N THR B 141 20.40 9.52 -9.40
CA THR B 141 19.52 8.71 -8.57
C THR B 141 20.31 7.80 -7.62
N LEU B 142 19.99 7.87 -6.33
CA LEU B 142 20.57 7.01 -5.31
C LEU B 142 19.44 6.24 -4.67
N GLY B 143 19.76 5.40 -3.70
CA GLY B 143 18.75 4.63 -3.02
C GLY B 143 19.24 3.93 -1.78
N CYS B 144 18.30 3.37 -1.04
CA CYS B 144 18.60 2.46 0.03
C CYS B 144 17.79 1.20 -0.16
N LEU B 145 18.47 0.07 0.01
CA LEU B 145 17.82 -1.23 0.01
C LEU B 145 17.63 -1.66 1.47
N VAL B 146 16.39 -2.00 1.83
CA VAL B 146 16.06 -2.34 3.21
C VAL B 146 15.62 -3.77 3.25
N LYS B 147 16.49 -4.63 3.75
CA LYS B 147 16.25 -6.04 3.53
C LYS B 147 16.18 -6.87 4.82
N GLY B 148 15.47 -7.99 4.75
CA GLY B 148 15.44 -8.97 5.82
C GLY B 148 14.80 -8.56 7.14
N TYR B 149 13.72 -7.78 7.09
CA TYR B 149 13.05 -7.34 8.33
C TYR B 149 11.69 -7.98 8.49
N PHE B 150 11.18 -8.01 9.72
CA PHE B 150 9.83 -8.50 10.00
C PHE B 150 9.43 -8.01 11.40
N PRO B 151 8.16 -7.60 11.58
CA PRO B 151 7.17 -7.54 10.51
C PRO B 151 7.15 -6.12 9.96
N GLU B 152 6.15 -5.81 9.14
CA GLU B 152 5.88 -4.42 8.81
C GLU B 152 5.46 -3.67 10.07
N PRO B 153 5.70 -2.34 10.12
CA PRO B 153 6.24 -1.55 9.02
C PRO B 153 7.65 -1.05 9.29
N VAL B 154 8.24 -0.47 8.25
CA VAL B 154 9.47 0.29 8.34
C VAL B 154 9.14 1.65 7.74
N THR B 155 9.79 2.70 8.24
CA THR B 155 9.68 4.03 7.67
C THR B 155 11.03 4.43 7.12
N VAL B 156 11.02 5.23 6.08
CA VAL B 156 12.26 5.68 5.45
C VAL B 156 12.17 7.17 5.19
N THR B 157 13.19 7.90 5.60
CA THR B 157 13.32 9.31 5.21
C THR B 157 14.69 9.57 4.65
N TRP B 158 14.81 10.68 3.94
CA TRP B 158 16.10 11.14 3.50
C TRP B 158 16.48 12.41 4.24
N ASN B 159 17.73 12.49 4.67
CA ASN B 159 18.22 13.66 5.39
C ASN B 159 17.22 14.07 6.49
N SER B 160 16.90 13.09 7.32
CA SER B 160 16.00 13.24 8.46
C SER B 160 14.64 13.90 8.13
N GLY B 161 14.32 13.98 6.84
CA GLY B 161 13.02 14.47 6.39
C GLY B 161 13.12 15.75 5.57
N SER B 162 14.35 16.24 5.44
CA SER B 162 14.63 17.47 4.73
C SER B 162 14.85 17.27 3.23
N LEU B 163 15.21 16.06 2.82
CA LEU B 163 15.09 15.68 1.41
C LEU B 163 13.73 15.02 1.24
N SER B 164 12.83 15.78 0.63
CA SER B 164 11.41 15.47 0.65
C SER B 164 10.98 15.01 -0.73
N SER B 165 11.37 15.75 -1.76
CA SER B 165 10.85 15.44 -3.08
C SER B 165 11.92 14.71 -3.88
N GLY B 166 11.47 14.07 -4.96
CA GLY B 166 12.34 13.21 -5.74
C GLY B 166 12.45 11.82 -5.13
N VAL B 167 11.56 11.52 -4.20
CA VAL B 167 11.65 10.27 -3.46
C VAL B 167 10.61 9.31 -3.93
N HIS B 168 11.01 8.06 -4.13
CA HIS B 168 10.04 7.00 -4.33
C HIS B 168 10.35 5.88 -3.34
N THR B 169 9.44 5.64 -2.42
CA THR B 169 9.63 4.58 -1.45
C THR B 169 8.64 3.47 -1.74
N PHE B 170 9.16 2.30 -2.14
CA PHE B 170 8.33 1.26 -2.68
C PHE B 170 7.69 0.43 -1.60
N PRO B 171 6.48 -0.08 -1.87
CA PRO B 171 5.82 -1.06 -1.00
C PRO B 171 6.73 -2.23 -0.70
N ALA B 172 6.80 -2.61 0.58
CA ALA B 172 7.52 -3.80 0.97
C ALA B 172 6.96 -5.06 0.32
N VAL B 173 7.86 -5.98 0.00
CA VAL B 173 7.45 -7.30 -0.45
C VAL B 173 8.00 -8.39 0.48
N LEU B 174 7.17 -9.37 0.78
CA LEU B 174 7.52 -10.44 1.70
C LEU B 174 8.01 -11.65 0.92
N GLN B 175 9.21 -12.12 1.25
CA GLN B 175 9.74 -13.36 0.69
C GLN B 175 10.45 -14.19 1.75
N SER B 176 10.06 -15.46 1.87
CA SER B 176 10.61 -16.34 2.89
C SER B 176 10.48 -15.71 4.28
N ASP B 177 9.28 -15.21 4.58
CA ASP B 177 9.02 -14.55 5.87
C ASP B 177 9.93 -13.37 6.24
N LEU B 178 10.54 -12.73 5.26
CA LEU B 178 11.24 -11.48 5.51
C LEU B 178 10.88 -10.44 4.45
N TYR B 179 10.75 -9.19 4.87
CA TYR B 179 10.36 -8.12 3.97
C TYR B 179 11.55 -7.46 3.37
N THR B 180 11.37 -7.02 2.12
CA THR B 180 12.35 -6.17 1.49
C THR B 180 11.60 -5.00 0.90
N LEU B 181 12.18 -3.83 1.05
CA LEU B 181 11.61 -2.64 0.51
C LEU B 181 12.82 -1.85 -0.01
N SER B 182 12.59 -0.96 -0.96
CA SER B 182 13.67 -0.11 -1.42
C SER B 182 13.15 1.31 -1.45
N SER B 183 14.05 2.28 -1.46
CA SER B 183 13.67 3.70 -1.63
C SER B 183 14.69 4.38 -2.52
N SER B 184 14.23 5.14 -3.51
CA SER B 184 15.11 5.92 -4.37
C SER B 184 14.92 7.43 -4.15
N VAL B 185 15.99 8.19 -4.35
CA VAL B 185 15.94 9.63 -4.23
C VAL B 185 16.73 10.20 -5.40
N THR B 186 16.20 11.26 -6.03
CA THR B 186 16.88 11.92 -7.15
C THR B 186 17.22 13.38 -6.82
N VAL B 187 18.50 13.71 -6.98
CA VAL B 187 19.01 15.06 -6.72
C VAL B 187 19.95 15.45 -7.86
N PRO B 188 20.18 16.75 -8.04
CA PRO B 188 21.03 17.26 -9.11
C PRO B 188 22.48 16.81 -9.00
N SER B 189 23.20 16.83 -10.12
CA SER B 189 24.57 16.32 -10.18
C SER B 189 25.49 16.87 -9.10
N SER B 190 25.73 18.18 -9.16
CA SER B 190 26.69 18.84 -8.29
C SER B 190 26.28 18.80 -6.82
N THR B 191 24.99 18.58 -6.58
CA THR B 191 24.44 18.44 -5.23
C THR B 191 25.07 17.26 -4.48
N TRP B 192 25.54 16.27 -5.22
CA TRP B 192 26.09 15.09 -4.57
C TRP B 192 27.64 15.05 -4.62
N PRO B 193 28.25 14.03 -4.01
CA PRO B 193 29.31 14.14 -3.02
C PRO B 193 29.17 15.37 -2.12
N SER B 194 29.18 16.56 -2.71
CA SER B 194 29.18 17.84 -1.99
C SER B 194 28.31 17.80 -0.74
N GLU B 195 27.02 17.65 -0.95
CA GLU B 195 26.05 17.61 0.13
C GLU B 195 25.84 16.16 0.55
N THR B 196 25.97 15.93 1.86
CA THR B 196 25.72 14.64 2.45
C THR B 196 24.30 14.13 2.12
N VAL B 197 24.21 12.85 1.76
CA VAL B 197 22.91 12.21 1.53
C VAL B 197 22.78 10.92 2.34
N THR B 198 21.76 10.85 3.19
CA THR B 198 21.61 9.73 4.10
C THR B 198 20.16 9.28 4.11
N CYS B 199 19.93 7.97 4.19
CA CYS B 199 18.58 7.47 4.37
C CYS B 199 18.42 7.03 5.82
N ASN B 200 17.26 7.31 6.40
CA ASN B 200 17.04 6.98 7.80
C ASN B 200 15.94 5.98 7.89
N VAL B 201 16.22 4.83 8.50
CA VAL B 201 15.32 3.69 8.42
C VAL B 201 14.88 3.23 9.81
N ALA B 202 13.61 3.49 10.15
CA ALA B 202 13.04 3.07 11.43
C ALA B 202 12.33 1.76 11.33
N HIS B 203 12.59 0.88 12.29
CA HIS B 203 11.86 -0.38 12.45
C HIS B 203 11.38 -0.53 13.90
N PRO B 204 10.29 0.16 14.25
CA PRO B 204 9.85 0.16 15.66
C PRO B 204 9.66 -1.24 16.27
N ALA B 205 9.22 -2.24 15.52
CA ALA B 205 8.95 -3.55 16.12
C ALA B 205 10.21 -4.08 16.79
N SER B 206 11.36 -3.66 16.29
CA SER B 206 12.62 -4.16 16.83
C SER B 206 13.36 -3.07 17.60
N SER B 207 12.71 -1.94 17.80
CA SER B 207 13.36 -0.77 18.39
C SER B 207 14.63 -0.37 17.65
N THR B 208 14.62 -0.61 16.34
CA THR B 208 15.73 -0.27 15.46
C THR B 208 15.55 1.10 14.81
N LYS B 209 16.64 1.87 14.75
CA LYS B 209 16.76 2.99 13.83
C LYS B 209 18.19 3.04 13.37
N VAL B 210 18.40 3.25 12.07
CA VAL B 210 19.75 3.40 11.55
C VAL B 210 19.78 4.33 10.35
N ASP B 211 20.95 4.95 10.16
CA ASP B 211 21.20 5.85 9.06
C ASP B 211 22.29 5.25 8.21
N LYS B 212 22.11 5.35 6.89
CA LYS B 212 23.11 4.86 5.97
C LYS B 212 23.46 5.99 5.05
N LYS B 213 24.68 6.47 5.14
CA LYS B 213 25.11 7.55 4.26
C LYS B 213 25.45 6.97 2.90
N ILE B 214 25.10 7.67 1.84
CA ILE B 214 25.32 7.15 0.50
C ILE B 214 26.58 7.79 -0.01
N VAL B 215 27.64 6.99 -0.10
CA VAL B 215 28.92 7.49 -0.57
C VAL B 215 29.24 7.02 -2.00
N PRO B 216 29.86 7.90 -2.80
CA PRO B 216 30.24 7.47 -4.16
C PRO B 216 31.07 6.19 -4.14
N ARG B 217 30.87 5.30 -5.12
CA ARG B 217 31.64 4.06 -5.18
C ARG B 217 33.00 4.29 -5.83
N ASP B 218 34.00 3.56 -5.35
CA ASP B 218 35.31 3.66 -6.01
C ASP B 218 35.97 2.33 -6.15
N CYS B 219 36.37 2.06 -7.39
CA CYS B 219 37.33 1.02 -7.70
C CYS B 219 38.53 1.15 -6.74
#